data_1ZYP
#
_entry.id   1ZYP
#
_cell.length_a   107.943
_cell.length_b   107.943
_cell.length_c   85.269
_cell.angle_alpha   90.00
_cell.angle_beta   90.00
_cell.angle_gamma   90.00
#
_symmetry.space_group_name_H-M   'P 41 21 2'
#
loop_
_entity.id
_entity.type
_entity.pdbx_description
1 polymer 'Alkyl hydroperoxide reductase subunit F'
2 water water
#
_entity_poly.entity_id   1
_entity_poly.type   'polypeptide(L)'
_entity_poly.pdbx_seq_one_letter_code
;MLDTNMKTQLRAYLEKLTKPVELIATLDDSAKSAEIKELLAEIAELSDKVTFKEDNTLPVRKPSFLITNPGSQQGPRFAG
SPLGHEFTSLVLALLWTGGHPSKEAQSLLEQIRDIDGDFEFETYYSLSCHNCPDVVQALNLMAVLNPRIKHTAIDGGTFQ
NEITERNVMGVPAVFVNGKEFGQGRMTLTEIVAKVDTGAEKR
;
_entity_poly.pdbx_strand_id   A,B
#
# COMPACT_ATOMS: atom_id res chain seq x y z
N MET A 1 14.04 11.11 1.87
CA MET A 1 14.17 9.72 2.38
C MET A 1 14.94 9.68 3.70
N LEU A 2 14.92 8.53 4.35
CA LEU A 2 15.61 8.35 5.61
C LEU A 2 17.11 8.38 5.38
N ASP A 3 17.85 9.13 6.19
CA ASP A 3 19.30 9.15 6.05
C ASP A 3 19.81 8.09 7.03
N THR A 4 20.96 7.50 6.72
CA THR A 4 21.54 6.45 7.56
C THR A 4 21.33 6.64 9.05
N ASN A 5 21.43 7.89 9.50
CA ASN A 5 21.26 8.20 10.91
C ASN A 5 19.83 7.98 11.39
N MET A 6 18.86 8.45 10.61
CA MET A 6 17.45 8.30 10.95
C MET A 6 17.09 6.83 10.96
N LYS A 7 17.55 6.10 9.94
CA LYS A 7 17.25 4.68 9.83
C LYS A 7 17.75 3.90 11.03
N THR A 8 19.02 4.06 11.34
CA THR A 8 19.63 3.37 12.46
C THR A 8 18.90 3.75 13.74
N GLN A 9 18.64 5.05 13.90
CA GLN A 9 17.96 5.51 15.09
C GLN A 9 16.54 4.95 15.16
N LEU A 10 15.84 4.99 14.04
CA LEU A 10 14.49 4.48 13.98
C LEU A 10 14.50 3.00 14.33
N ARG A 11 15.48 2.27 13.79
CA ARG A 11 15.56 0.84 14.08
C ARG A 11 15.64 0.62 15.58
N ALA A 12 16.42 1.46 16.26
CA ALA A 12 16.59 1.36 17.70
C ALA A 12 15.32 1.64 18.49
N TYR A 13 14.62 2.72 18.14
CA TYR A 13 13.38 3.06 18.83
C TYR A 13 12.33 1.96 18.69
N LEU A 14 12.15 1.48 17.45
CA LEU A 14 11.15 0.46 17.16
C LEU A 14 11.27 -0.80 18.00
N GLU A 15 12.45 -1.05 18.55
CA GLU A 15 12.63 -2.21 19.41
C GLU A 15 11.67 -2.09 20.59
N LYS A 16 11.20 -0.88 20.84
CA LYS A 16 10.28 -0.62 21.95
C LYS A 16 8.84 -1.02 21.62
N LEU A 17 8.59 -1.39 20.37
CA LEU A 17 7.26 -1.78 19.97
C LEU A 17 6.89 -3.12 20.62
N THR A 18 5.68 -3.20 21.15
CA THR A 18 5.19 -4.42 21.81
C THR A 18 3.95 -4.97 21.11
N LYS A 19 3.24 -4.09 20.40
CA LYS A 19 2.04 -4.45 19.66
C LYS A 19 2.32 -4.22 18.18
N PRO A 20 1.56 -4.89 17.30
CA PRO A 20 1.80 -4.68 15.86
C PRO A 20 1.20 -3.34 15.42
N VAL A 21 1.93 -2.61 14.57
CA VAL A 21 1.52 -1.30 14.06
C VAL A 21 1.36 -1.31 12.54
N GLU A 22 0.32 -0.64 12.04
CA GLU A 22 0.09 -0.57 10.61
C GLU A 22 0.18 0.85 10.05
N LEU A 23 0.83 0.99 8.90
CA LEU A 23 0.96 2.26 8.22
C LEU A 23 0.11 2.17 6.96
N ILE A 24 -1.09 2.75 7.00
CA ILE A 24 -2.01 2.73 5.87
C ILE A 24 -1.96 4.01 5.08
N ALA A 25 -1.40 3.96 3.89
CA ALA A 25 -1.28 5.16 3.08
C ALA A 25 -2.35 5.35 2.01
N THR A 26 -2.57 6.60 1.64
CA THR A 26 -3.50 6.97 0.58
C THR A 26 -2.65 7.83 -0.38
N LEU A 27 -2.31 7.24 -1.52
CA LEU A 27 -1.44 7.90 -2.49
C LEU A 27 -2.06 8.19 -3.84
N ASP A 28 -1.38 9.03 -4.60
CA ASP A 28 -1.80 9.34 -5.95
C ASP A 28 -0.58 8.98 -6.80
N ASP A 29 -0.52 9.41 -8.05
CA ASP A 29 0.62 9.05 -8.87
C ASP A 29 1.66 10.13 -8.97
N SER A 30 1.64 11.07 -8.04
CA SER A 30 2.61 12.17 -8.05
C SER A 30 3.95 11.71 -7.47
N ALA A 31 5.00 12.47 -7.79
CA ALA A 31 6.33 12.15 -7.31
C ALA A 31 6.36 12.21 -5.78
N LYS A 32 5.62 13.15 -5.21
CA LYS A 32 5.57 13.31 -3.78
C LYS A 32 5.08 12.00 -3.15
N SER A 33 4.05 11.41 -3.73
CA SER A 33 3.50 10.15 -3.24
C SER A 33 4.48 9.01 -3.45
N ALA A 34 5.46 9.23 -4.32
CA ALA A 34 6.47 8.21 -4.57
C ALA A 34 7.40 8.24 -3.35
N GLU A 35 7.81 9.43 -2.93
CA GLU A 35 8.67 9.58 -1.77
C GLU A 35 8.07 8.84 -0.58
N ILE A 36 6.82 9.20 -0.28
CA ILE A 36 6.11 8.60 0.84
C ILE A 36 6.10 7.09 0.75
N LYS A 37 5.78 6.56 -0.42
CA LYS A 37 5.76 5.11 -0.60
C LYS A 37 7.13 4.52 -0.26
N GLU A 38 8.20 5.17 -0.74
CA GLU A 38 9.57 4.72 -0.47
C GLU A 38 9.87 4.73 1.03
N LEU A 39 9.54 5.84 1.69
CA LEU A 39 9.76 6.01 3.12
C LEU A 39 9.00 4.99 3.97
N LEU A 40 7.70 4.86 3.75
CA LEU A 40 6.91 3.91 4.53
C LEU A 40 7.40 2.49 4.26
N ALA A 41 8.11 2.32 3.16
CA ALA A 41 8.66 1.03 2.78
C ALA A 41 9.87 0.75 3.66
N GLU A 42 10.77 1.73 3.74
CA GLU A 42 11.98 1.63 4.54
C GLU A 42 11.64 1.41 6.01
N ILE A 43 10.67 2.18 6.51
CA ILE A 43 10.24 2.07 7.90
C ILE A 43 9.75 0.67 8.22
N ALA A 44 8.94 0.10 7.34
CA ALA A 44 8.37 -1.23 7.55
C ALA A 44 9.40 -2.35 7.62
N GLU A 45 10.53 -2.20 6.92
CA GLU A 45 11.51 -3.26 7.00
C GLU A 45 12.52 -3.05 8.11
N LEU A 46 12.26 -2.10 8.99
CA LEU A 46 13.15 -1.89 10.12
C LEU A 46 12.55 -2.64 11.30
N SER A 47 11.35 -3.18 11.12
CA SER A 47 10.67 -3.92 12.18
C SER A 47 9.54 -4.82 11.69
N ASP A 48 9.41 -5.96 12.35
CA ASP A 48 8.39 -6.96 12.02
C ASP A 48 7.06 -6.62 12.68
N LYS A 49 7.06 -5.57 13.49
CA LYS A 49 5.85 -5.13 14.17
C LYS A 49 5.17 -4.04 13.32
N VAL A 50 5.81 -3.70 12.21
CA VAL A 50 5.30 -2.66 11.34
C VAL A 50 4.96 -3.14 9.94
N THR A 51 3.74 -2.87 9.50
CA THR A 51 3.29 -3.26 8.17
C THR A 51 2.84 -2.03 7.38
N PHE A 52 3.17 -2.01 6.09
CA PHE A 52 2.82 -0.91 5.20
C PHE A 52 1.83 -1.38 4.13
N LYS A 53 0.59 -0.95 4.23
CA LYS A 53 -0.44 -1.30 3.26
C LYS A 53 -0.89 0.04 2.73
N GLU A 54 -1.70 0.04 1.68
CA GLU A 54 -2.19 1.31 1.19
C GLU A 54 -3.60 1.18 0.68
N ASP A 55 -4.41 2.17 1.02
CA ASP A 55 -5.81 2.20 0.63
C ASP A 55 -6.05 3.58 0.02
N ASN A 56 -5.61 3.75 -1.23
CA ASN A 56 -5.72 5.01 -1.95
C ASN A 56 -7.14 5.31 -2.39
N THR A 57 -8.09 4.74 -1.65
CA THR A 57 -9.50 4.90 -1.93
C THR A 57 -10.18 5.92 -0.99
N LEU A 58 -9.53 6.17 0.14
CA LEU A 58 -10.02 7.09 1.17
C LEU A 58 -10.11 8.56 0.77
N PRO A 59 -11.18 9.26 1.21
CA PRO A 59 -11.36 10.67 0.90
C PRO A 59 -10.50 11.51 1.84
N VAL A 60 -9.19 11.37 1.69
CA VAL A 60 -8.22 12.10 2.51
C VAL A 60 -7.18 12.74 1.60
N ARG A 61 -6.29 13.54 2.19
CA ARG A 61 -5.25 14.20 1.42
C ARG A 61 -4.33 13.15 0.80
N LYS A 62 -3.79 13.45 -0.37
CA LYS A 62 -2.87 12.54 -1.02
C LYS A 62 -1.60 13.30 -1.36
N PRO A 63 -0.44 12.79 -0.93
CA PRO A 63 -0.30 11.56 -0.16
C PRO A 63 -0.48 11.83 1.33
N SER A 64 -0.76 10.77 2.06
CA SER A 64 -0.93 10.83 3.51
C SER A 64 -0.98 9.39 4.01
N PHE A 65 -0.77 9.19 5.29
CA PHE A 65 -0.85 7.84 5.82
C PHE A 65 -1.31 7.87 7.25
N LEU A 66 -1.93 6.78 7.67
CA LEU A 66 -2.46 6.63 9.00
C LEU A 66 -1.59 5.69 9.81
N ILE A 67 -1.34 6.05 11.06
CA ILE A 67 -0.55 5.20 11.94
C ILE A 67 -1.58 4.58 12.88
N THR A 68 -1.75 3.27 12.78
CA THR A 68 -2.73 2.59 13.61
C THR A 68 -2.34 1.15 13.89
N ASN A 69 -3.30 0.42 14.43
CA ASN A 69 -3.10 -0.98 14.77
C ASN A 69 -3.92 -1.81 13.81
N PRO A 70 -3.53 -3.07 13.59
CA PRO A 70 -4.34 -3.89 12.68
C PRO A 70 -5.76 -4.06 13.20
N GLY A 71 -6.74 -3.91 12.31
CA GLY A 71 -8.13 -4.04 12.68
C GLY A 71 -8.67 -2.76 13.28
N SER A 72 -7.88 -1.70 13.20
CA SER A 72 -8.30 -0.42 13.76
C SER A 72 -8.19 0.71 12.72
N GLN A 73 -9.00 1.74 12.92
CA GLN A 73 -8.99 2.91 12.03
C GLN A 73 -8.67 4.17 12.82
N GLN A 74 -8.21 3.98 14.06
CA GLN A 74 -7.85 5.08 14.94
C GLN A 74 -6.34 5.35 14.94
N GLY A 75 -5.97 6.62 15.03
CA GLY A 75 -4.57 7.00 15.06
C GLY A 75 -4.28 8.31 14.36
N PRO A 76 -3.11 8.90 14.60
CA PRO A 76 -2.78 10.17 13.95
C PRO A 76 -2.43 9.94 12.49
N ARG A 77 -2.61 10.97 11.69
CA ARG A 77 -2.32 10.91 10.27
C ARG A 77 -1.32 11.99 9.87
N PHE A 78 -0.40 11.65 8.99
CA PHE A 78 0.57 12.61 8.51
C PHE A 78 0.26 12.82 7.05
N ALA A 79 0.11 14.06 6.64
CA ALA A 79 -0.15 14.33 5.23
C ALA A 79 1.09 15.05 4.71
N GLY A 80 1.79 14.41 3.78
CA GLY A 80 3.00 15.00 3.23
C GLY A 80 4.22 14.33 3.86
N SER A 81 5.37 14.98 3.85
CA SER A 81 6.56 14.38 4.44
C SER A 81 6.61 14.53 5.94
N PRO A 82 6.84 13.41 6.65
CA PRO A 82 6.92 13.39 8.11
C PRO A 82 8.37 13.45 8.60
N LEU A 83 9.24 13.92 7.72
CA LEU A 83 10.66 14.02 8.06
C LEU A 83 11.05 15.42 8.56
N GLY A 84 12.30 15.79 8.39
CA GLY A 84 12.71 17.09 8.90
C GLY A 84 12.63 17.02 10.41
N HIS A 85 12.17 18.09 11.04
CA HIS A 85 12.06 18.14 12.49
C HIS A 85 10.83 17.39 13.01
N GLU A 86 10.07 16.78 12.11
CA GLU A 86 8.91 16.03 12.54
C GLU A 86 9.25 14.55 12.65
N PHE A 87 10.49 14.21 12.34
CA PHE A 87 10.92 12.83 12.42
C PHE A 87 10.72 12.27 13.83
N THR A 88 11.00 13.09 14.83
CA THR A 88 10.84 12.69 16.23
C THR A 88 9.36 12.42 16.49
N SER A 89 8.51 13.21 15.85
CA SER A 89 7.08 13.04 15.99
C SER A 89 6.64 11.74 15.34
N LEU A 90 7.23 11.43 14.19
CA LEU A 90 6.89 10.19 13.51
C LEU A 90 7.27 9.03 14.41
N VAL A 91 8.50 9.07 14.92
CA VAL A 91 9.00 8.03 15.82
C VAL A 91 8.07 7.83 17.02
N LEU A 92 7.72 8.92 17.69
CA LEU A 92 6.84 8.85 18.85
C LEU A 92 5.47 8.26 18.53
N ALA A 93 4.86 8.71 17.45
CA ALA A 93 3.54 8.21 17.09
C ALA A 93 3.58 6.69 16.84
N LEU A 94 4.68 6.22 16.24
CA LEU A 94 4.83 4.79 15.98
C LEU A 94 4.96 4.08 17.32
N LEU A 95 5.83 4.60 18.18
CA LEU A 95 6.04 4.01 19.51
C LEU A 95 4.77 3.94 20.33
N TRP A 96 4.02 5.04 20.41
CA TRP A 96 2.79 5.07 21.19
C TRP A 96 1.78 4.10 20.65
N THR A 97 1.63 4.09 19.34
CA THR A 97 0.67 3.20 18.70
C THR A 97 1.15 1.76 18.87
N GLY A 98 2.46 1.60 19.04
CA GLY A 98 3.00 0.25 19.19
C GLY A 98 3.10 -0.22 20.62
N GLY A 99 2.33 0.39 21.51
CA GLY A 99 2.36 -0.01 22.90
C GLY A 99 3.28 0.74 23.84
N HIS A 100 4.30 1.42 23.31
CA HIS A 100 5.21 2.14 24.19
C HIS A 100 4.53 3.32 24.88
N PRO A 101 4.61 3.36 26.21
CA PRO A 101 4.02 4.39 27.07
C PRO A 101 4.57 5.81 26.94
N SER A 102 3.65 6.77 26.95
CA SER A 102 4.00 8.18 26.88
C SER A 102 4.69 8.54 28.19
N LYS A 103 5.57 9.53 28.14
CA LYS A 103 6.27 9.95 29.35
C LYS A 103 5.40 10.88 30.19
N GLU A 104 4.23 11.25 29.68
CA GLU A 104 3.33 12.15 30.38
C GLU A 104 2.75 11.52 31.66
N ALA A 105 2.33 12.36 32.59
CA ALA A 105 1.77 11.91 33.85
C ALA A 105 0.46 11.17 33.66
N GLN A 106 0.28 10.10 34.42
CA GLN A 106 -0.94 9.28 34.32
C GLN A 106 -2.25 10.05 34.47
N SER A 107 -2.31 10.97 35.42
CA SER A 107 -3.52 11.72 35.64
C SER A 107 -3.87 12.57 34.42
N LEU A 108 -2.85 12.92 33.64
CA LEU A 108 -3.07 13.75 32.45
C LEU A 108 -3.60 12.88 31.32
N LEU A 109 -3.02 11.71 31.15
CA LEU A 109 -3.45 10.80 30.11
C LEU A 109 -4.94 10.55 30.35
N GLU A 110 -5.30 10.25 31.58
CA GLU A 110 -6.69 9.99 31.93
C GLU A 110 -7.60 11.16 31.57
N GLN A 111 -7.23 12.37 31.96
CA GLN A 111 -8.07 13.52 31.62
C GLN A 111 -8.29 13.54 30.12
N ILE A 112 -7.26 13.18 29.36
CA ILE A 112 -7.36 13.18 27.90
C ILE A 112 -8.33 12.10 27.44
N ARG A 113 -8.29 10.95 28.11
CA ARG A 113 -9.17 9.83 27.78
C ARG A 113 -10.63 10.17 28.11
N ASP A 114 -10.83 11.01 29.13
CA ASP A 114 -12.18 11.37 29.54
C ASP A 114 -12.72 12.64 28.92
N ILE A 115 -12.15 13.05 27.80
CA ILE A 115 -12.62 14.25 27.13
C ILE A 115 -13.86 13.90 26.31
N ASP A 116 -14.94 14.65 26.53
CA ASP A 116 -16.18 14.43 25.80
C ASP A 116 -16.21 15.38 24.63
N GLY A 117 -16.95 15.03 23.59
CA GLY A 117 -17.01 15.90 22.43
C GLY A 117 -16.06 15.38 21.38
N ASP A 118 -16.39 15.63 20.12
CA ASP A 118 -15.58 15.19 19.00
C ASP A 118 -14.75 16.33 18.44
N PHE A 119 -13.45 16.12 18.34
CA PHE A 119 -12.56 17.14 17.82
C PHE A 119 -11.69 16.64 16.69
N GLU A 120 -11.77 17.32 15.56
CA GLU A 120 -10.99 16.98 14.39
C GLU A 120 -9.88 18.01 14.24
N PHE A 121 -8.69 17.69 14.75
CA PHE A 121 -7.57 18.61 14.65
C PHE A 121 -6.77 18.47 13.38
N GLU A 122 -6.27 19.61 12.90
CA GLU A 122 -5.43 19.70 11.72
C GLU A 122 -4.30 20.64 12.12
N THR A 123 -3.06 20.21 11.91
CA THR A 123 -1.92 21.04 12.25
C THR A 123 -0.99 21.20 11.07
N TYR A 124 -0.75 22.44 10.68
CA TYR A 124 0.15 22.72 9.60
C TYR A 124 1.55 22.96 10.15
N TYR A 125 2.53 22.35 9.52
CA TYR A 125 3.91 22.48 9.94
C TYR A 125 4.79 22.54 8.73
N SER A 126 6.03 22.99 8.92
CA SER A 126 7.00 23.02 7.84
C SER A 126 8.09 22.08 8.36
N LEU A 127 8.82 21.47 7.43
CA LEU A 127 9.87 20.53 7.80
C LEU A 127 10.98 21.15 8.64
N SER A 128 11.14 22.45 8.50
CA SER A 128 12.18 23.20 9.20
C SER A 128 11.71 23.96 10.44
N CYS A 129 10.46 23.76 10.85
CA CYS A 129 9.99 24.47 12.02
C CYS A 129 10.40 23.73 13.28
N HIS A 130 10.98 24.47 14.22
CA HIS A 130 11.46 23.89 15.47
C HIS A 130 10.40 23.82 16.58
N ASN A 131 9.41 24.70 16.54
CA ASN A 131 8.35 24.71 17.56
C ASN A 131 7.13 23.85 17.23
N CYS A 132 7.10 23.26 16.04
CA CYS A 132 5.99 22.43 15.62
C CYS A 132 5.90 21.04 16.26
N PRO A 133 7.04 20.33 16.42
CA PRO A 133 7.03 18.99 17.01
C PRO A 133 6.24 18.83 18.29
N ASP A 134 6.45 19.71 19.27
CA ASP A 134 5.71 19.58 20.53
C ASP A 134 4.22 19.68 20.31
N VAL A 135 3.80 20.56 19.40
CA VAL A 135 2.38 20.71 19.13
C VAL A 135 1.86 19.48 18.41
N VAL A 136 2.58 19.06 17.38
CA VAL A 136 2.20 17.89 16.61
C VAL A 136 2.19 16.64 17.49
N GLN A 137 3.17 16.53 18.38
CA GLN A 137 3.28 15.39 19.28
C GLN A 137 2.15 15.34 20.32
N ALA A 138 1.77 16.49 20.85
CA ALA A 138 0.69 16.59 21.83
C ALA A 138 -0.62 16.12 21.21
N LEU A 139 -0.91 16.61 20.01
CA LEU A 139 -2.14 16.24 19.32
C LEU A 139 -2.13 14.80 18.82
N ASN A 140 -0.95 14.25 18.55
CA ASN A 140 -0.85 12.86 18.10
C ASN A 140 -1.16 11.98 19.30
N LEU A 141 -0.57 12.30 20.44
CA LEU A 141 -0.79 11.54 21.66
C LEU A 141 -2.29 11.51 21.96
N MET A 142 -2.94 12.67 21.91
CA MET A 142 -4.37 12.76 22.17
C MET A 142 -5.17 11.87 21.23
N ALA A 143 -4.72 11.73 19.98
CA ALA A 143 -5.43 10.90 19.01
C ALA A 143 -5.21 9.42 19.32
N VAL A 144 -4.05 9.09 19.86
CA VAL A 144 -3.77 7.70 20.20
C VAL A 144 -4.57 7.33 21.45
N LEU A 145 -4.78 8.32 22.32
CA LEU A 145 -5.47 8.12 23.59
C LEU A 145 -7.00 8.13 23.58
N ASN A 146 -7.57 8.93 22.69
CA ASN A 146 -9.01 9.08 22.64
C ASN A 146 -9.51 9.01 21.21
N PRO A 147 -10.31 7.99 20.88
CA PRO A 147 -10.84 7.83 19.53
C PRO A 147 -11.75 8.97 19.07
N ARG A 148 -12.17 9.81 20.03
CA ARG A 148 -13.02 10.96 19.74
C ARG A 148 -12.17 12.12 19.22
N ILE A 149 -10.85 12.00 19.39
CA ILE A 149 -9.93 13.05 18.95
C ILE A 149 -9.07 12.59 17.76
N LYS A 150 -9.30 13.23 16.61
CA LYS A 150 -8.55 12.93 15.39
C LYS A 150 -7.51 14.01 15.12
N HIS A 151 -6.44 13.65 14.45
CA HIS A 151 -5.41 14.62 14.14
C HIS A 151 -4.67 14.30 12.86
N THR A 152 -4.60 15.28 11.98
CA THR A 152 -3.87 15.14 10.74
C THR A 152 -2.79 16.21 10.75
N ALA A 153 -1.53 15.78 10.78
CA ALA A 153 -0.41 16.71 10.75
C ALA A 153 -0.13 16.91 9.27
N ILE A 154 -0.16 18.17 8.83
CA ILE A 154 0.03 18.49 7.43
C ILE A 154 1.33 19.22 7.10
N ASP A 155 2.12 18.64 6.21
CA ASP A 155 3.37 19.25 5.79
C ASP A 155 3.03 20.34 4.77
N GLY A 156 3.23 21.59 5.18
CA GLY A 156 2.94 22.70 4.29
C GLY A 156 3.62 22.65 2.93
N GLY A 157 4.77 21.97 2.86
CA GLY A 157 5.50 21.87 1.62
C GLY A 157 4.88 20.92 0.61
N THR A 158 3.88 20.15 1.05
CA THR A 158 3.22 19.21 0.16
C THR A 158 1.80 19.69 -0.17
N PHE A 159 1.27 20.57 0.67
CA PHE A 159 -0.07 21.12 0.49
C PHE A 159 -0.06 22.63 0.58
N GLN A 160 0.77 23.25 -0.26
CA GLN A 160 0.91 24.69 -0.30
C GLN A 160 -0.41 25.41 -0.57
N ASN A 161 -1.21 24.87 -1.47
CA ASN A 161 -2.49 25.48 -1.79
C ASN A 161 -3.30 25.74 -0.53
N GLU A 162 -3.23 24.84 0.44
CA GLU A 162 -3.97 24.98 1.69
C GLU A 162 -3.40 26.08 2.58
N ILE A 163 -2.10 26.31 2.48
CA ILE A 163 -1.45 27.33 3.30
C ILE A 163 -1.98 28.72 2.98
N THR A 164 -2.09 29.04 1.69
CA THR A 164 -2.59 30.35 1.32
C THR A 164 -4.10 30.33 1.46
N GLU A 165 -4.72 29.23 1.04
CA GLU A 165 -6.16 29.11 1.13
C GLU A 165 -6.70 29.41 2.53
N ARG A 166 -6.00 28.93 3.56
CA ARG A 166 -6.42 29.18 4.94
C ARG A 166 -5.69 30.38 5.53
N ASN A 167 -4.89 31.04 4.71
CA ASN A 167 -4.17 32.24 5.14
C ASN A 167 -3.24 31.96 6.34
N VAL A 168 -2.53 30.84 6.29
CA VAL A 168 -1.62 30.48 7.35
C VAL A 168 -0.35 31.33 7.21
N MET A 169 -0.13 32.25 8.15
CA MET A 169 1.02 33.14 8.12
C MET A 169 2.22 32.57 8.87
N GLY A 170 1.98 31.52 9.63
CA GLY A 170 3.07 30.90 10.38
C GLY A 170 2.72 29.51 10.83
N VAL A 171 3.68 28.82 11.44
CA VAL A 171 3.48 27.47 11.94
C VAL A 171 4.09 27.31 13.33
N PRO A 172 3.58 26.36 14.13
CA PRO A 172 2.47 25.49 13.74
C PRO A 172 1.14 26.21 13.80
N ALA A 173 0.27 25.91 12.85
CA ALA A 173 -1.06 26.49 12.80
C ALA A 173 -2.05 25.35 13.03
N VAL A 174 -2.77 25.40 14.15
CA VAL A 174 -3.74 24.36 14.48
C VAL A 174 -5.19 24.77 14.26
N PHE A 175 -5.98 23.82 13.75
CA PHE A 175 -7.40 24.03 13.49
C PHE A 175 -8.18 22.89 14.15
N VAL A 176 -9.40 23.17 14.56
CA VAL A 176 -10.24 22.15 15.18
C VAL A 176 -11.63 22.23 14.56
N ASN A 177 -12.13 21.10 14.07
CA ASN A 177 -13.42 21.06 13.42
C ASN A 177 -13.54 22.12 12.34
N GLY A 178 -12.45 22.38 11.62
CA GLY A 178 -12.48 23.36 10.55
C GLY A 178 -12.21 24.79 10.91
N LYS A 179 -12.21 25.13 12.19
CA LYS A 179 -11.98 26.51 12.59
C LYS A 179 -10.66 26.72 13.34
N GLU A 180 -10.03 27.87 13.15
CA GLU A 180 -8.77 28.19 13.82
C GLU A 180 -8.85 27.86 15.30
N PHE A 181 -7.78 27.26 15.81
CA PHE A 181 -7.72 26.87 17.20
C PHE A 181 -6.59 27.59 17.94
N GLY A 182 -5.47 27.79 17.25
CA GLY A 182 -4.33 28.47 17.83
C GLY A 182 -3.07 28.32 17.00
N GLN A 183 -2.14 29.25 17.14
CA GLN A 183 -0.89 29.21 16.39
C GLN A 183 0.29 29.33 17.34
N GLY A 184 1.46 28.90 16.90
CA GLY A 184 2.64 28.97 17.72
C GLY A 184 2.66 27.97 18.87
N ARG A 185 3.65 28.08 19.73
CA ARG A 185 3.81 27.19 20.87
C ARG A 185 2.56 26.96 21.70
N MET A 186 2.45 25.74 22.20
CA MET A 186 1.39 25.34 23.10
C MET A 186 1.83 24.02 23.72
N THR A 187 1.34 23.73 24.92
CA THR A 187 1.72 22.50 25.60
C THR A 187 0.52 21.56 25.55
N LEU A 188 0.75 20.28 25.84
CA LEU A 188 -0.33 19.32 25.84
C LEU A 188 -1.37 19.79 26.84
N THR A 189 -0.89 20.29 27.98
CA THR A 189 -1.77 20.77 29.03
C THR A 189 -2.58 21.99 28.61
N GLU A 190 -1.93 22.95 27.94
CA GLU A 190 -2.64 24.13 27.48
C GLU A 190 -3.69 23.70 26.46
N ILE A 191 -3.32 22.77 25.58
CA ILE A 191 -4.25 22.28 24.58
C ILE A 191 -5.43 21.55 25.20
N VAL A 192 -5.14 20.61 26.10
CA VAL A 192 -6.22 19.87 26.75
C VAL A 192 -7.16 20.81 27.50
N ALA A 193 -6.62 21.88 28.06
CA ALA A 193 -7.47 22.82 28.79
C ALA A 193 -8.47 23.54 27.88
N LYS A 194 -8.09 23.80 26.64
CA LYS A 194 -8.98 24.50 25.71
C LYS A 194 -10.17 23.64 25.27
N VAL A 195 -9.98 22.32 25.26
CA VAL A 195 -11.05 21.42 24.87
C VAL A 195 -11.74 20.74 26.06
N ASP A 196 -11.69 21.38 27.23
CA ASP A 196 -12.29 20.87 28.47
C ASP A 196 -11.52 19.65 29.02
N MET B 1 -8.66 1.07 -21.66
CA MET B 1 -8.05 0.71 -22.97
C MET B 1 -6.54 0.92 -22.88
N LEU B 2 -5.85 0.76 -24.01
CA LEU B 2 -4.42 0.96 -24.08
C LEU B 2 -4.10 2.30 -24.71
N ASP B 3 -3.40 3.15 -23.98
CA ASP B 3 -3.01 4.46 -24.47
C ASP B 3 -1.80 4.29 -25.38
N THR B 4 -1.45 5.34 -26.10
CA THR B 4 -0.30 5.31 -27.01
C THR B 4 0.93 4.70 -26.36
N ASN B 5 1.34 5.27 -25.24
CA ASN B 5 2.52 4.82 -24.51
C ASN B 5 2.52 3.31 -24.28
N MET B 6 1.45 2.83 -23.64
CA MET B 6 1.30 1.41 -23.35
C MET B 6 1.37 0.58 -24.62
N LYS B 7 0.52 0.90 -25.60
CA LYS B 7 0.49 0.15 -26.85
C LYS B 7 1.88 0.07 -27.48
N THR B 8 2.63 1.17 -27.40
CA THR B 8 3.97 1.21 -27.95
C THR B 8 4.89 0.38 -27.06
N GLN B 9 5.11 0.88 -25.85
CA GLN B 9 5.95 0.23 -24.86
C GLN B 9 5.68 -1.28 -24.81
N LEU B 10 4.41 -1.64 -24.90
CA LEU B 10 4.01 -3.04 -24.86
C LEU B 10 4.45 -3.78 -26.12
N ARG B 11 4.39 -3.10 -27.25
CA ARG B 11 4.79 -3.73 -28.50
C ARG B 11 6.28 -4.02 -28.43
N ALA B 12 6.96 -3.24 -27.58
CA ALA B 12 8.39 -3.41 -27.38
C ALA B 12 8.64 -4.72 -26.64
N TYR B 13 8.32 -4.72 -25.34
CA TYR B 13 8.51 -5.89 -24.50
C TYR B 13 8.10 -7.20 -25.17
N LEU B 14 6.97 -7.20 -25.88
CA LEU B 14 6.49 -8.42 -26.54
C LEU B 14 7.46 -8.90 -27.61
N GLU B 15 8.32 -8.01 -28.10
CA GLU B 15 9.30 -8.36 -29.12
C GLU B 15 10.46 -9.21 -28.60
N LYS B 16 10.42 -9.53 -27.31
CA LYS B 16 11.46 -10.35 -26.69
C LYS B 16 10.95 -11.78 -26.56
N LEU B 17 9.71 -11.98 -26.97
CA LEU B 17 9.08 -13.30 -26.89
C LEU B 17 9.73 -14.33 -27.80
N THR B 18 9.93 -15.53 -27.26
CA THR B 18 10.53 -16.60 -28.02
C THR B 18 9.73 -17.87 -27.83
N LYS B 19 8.53 -17.74 -27.29
CA LYS B 19 7.64 -18.86 -27.07
C LYS B 19 6.19 -18.47 -27.31
N PRO B 20 5.32 -19.46 -27.55
CA PRO B 20 3.91 -19.18 -27.78
C PRO B 20 3.17 -18.87 -26.48
N VAL B 21 2.47 -17.74 -26.46
CA VAL B 21 1.73 -17.30 -25.28
C VAL B 21 0.23 -17.20 -25.56
N GLU B 22 -0.56 -17.95 -24.84
CA GLU B 22 -2.02 -17.91 -25.01
C GLU B 22 -2.72 -17.15 -23.89
N LEU B 23 -3.65 -16.29 -24.27
CA LEU B 23 -4.43 -15.54 -23.31
C LEU B 23 -5.83 -16.16 -23.33
N ILE B 24 -6.12 -16.98 -22.33
CA ILE B 24 -7.42 -17.65 -22.25
C ILE B 24 -8.26 -16.93 -21.21
N ALA B 25 -9.40 -16.39 -21.65
CA ALA B 25 -10.25 -15.64 -20.75
C ALA B 25 -11.61 -16.27 -20.52
N THR B 26 -12.14 -16.04 -19.33
CA THR B 26 -13.47 -16.52 -18.95
C THR B 26 -14.23 -15.22 -18.62
N LEU B 27 -15.28 -14.93 -19.40
CA LEU B 27 -16.02 -13.69 -19.22
C LEU B 27 -17.55 -13.79 -19.20
N ASP B 28 -18.18 -12.77 -18.63
CA ASP B 28 -19.64 -12.69 -18.58
C ASP B 28 -20.04 -11.60 -19.57
N ASP B 29 -21.23 -11.02 -19.38
CA ASP B 29 -21.71 -9.98 -20.29
C ASP B 29 -21.39 -8.56 -19.85
N SER B 30 -21.03 -8.38 -18.59
CA SER B 30 -20.73 -7.05 -18.07
C SER B 30 -19.81 -6.23 -18.97
N ALA B 31 -19.98 -4.92 -18.90
CA ALA B 31 -19.16 -4.02 -19.68
C ALA B 31 -17.74 -4.17 -19.16
N LYS B 32 -17.62 -4.73 -17.95
CA LYS B 32 -16.32 -4.95 -17.33
C LYS B 32 -15.57 -6.01 -18.13
N SER B 33 -16.26 -7.11 -18.41
CA SER B 33 -15.64 -8.18 -19.19
C SER B 33 -15.26 -7.64 -20.56
N ALA B 34 -16.11 -6.78 -21.10
CA ALA B 34 -15.84 -6.21 -22.42
C ALA B 34 -14.53 -5.44 -22.43
N GLU B 35 -14.19 -4.81 -21.31
CA GLU B 35 -12.93 -4.07 -21.23
C GLU B 35 -11.77 -5.05 -21.33
N ILE B 36 -11.87 -6.14 -20.57
CA ILE B 36 -10.83 -7.15 -20.56
C ILE B 36 -10.71 -7.74 -21.96
N LYS B 37 -11.86 -8.12 -22.50
CA LYS B 37 -11.92 -8.70 -23.83
C LYS B 37 -11.17 -7.83 -24.83
N GLU B 38 -11.58 -6.57 -24.96
CA GLU B 38 -10.92 -5.65 -25.90
C GLU B 38 -9.42 -5.58 -25.63
N LEU B 39 -9.07 -5.45 -24.36
CA LEU B 39 -7.68 -5.35 -23.97
C LEU B 39 -6.87 -6.57 -24.42
N LEU B 40 -7.34 -7.75 -24.06
CA LEU B 40 -6.63 -8.98 -24.42
C LEU B 40 -6.48 -9.11 -25.92
N ALA B 41 -7.54 -8.77 -26.66
CA ALA B 41 -7.50 -8.86 -28.11
C ALA B 41 -6.55 -7.82 -28.66
N GLU B 42 -6.55 -6.64 -28.04
CA GLU B 42 -5.70 -5.54 -28.45
C GLU B 42 -4.24 -5.94 -28.26
N ILE B 43 -3.99 -6.80 -27.26
CA ILE B 43 -2.64 -7.27 -26.99
C ILE B 43 -2.28 -8.34 -28.01
N ALA B 44 -3.22 -9.25 -28.26
CA ALA B 44 -3.00 -10.33 -29.22
C ALA B 44 -2.54 -9.82 -30.57
N GLU B 45 -3.10 -8.71 -31.03
CA GLU B 45 -2.70 -8.19 -32.33
C GLU B 45 -1.43 -7.35 -32.33
N LEU B 46 -0.55 -7.61 -31.37
CA LEU B 46 0.71 -6.88 -31.27
C LEU B 46 1.86 -7.87 -31.33
N SER B 47 1.53 -9.16 -31.43
CA SER B 47 2.55 -10.19 -31.47
C SER B 47 2.07 -11.54 -31.97
N ASP B 48 2.74 -12.03 -33.02
CA ASP B 48 2.41 -13.33 -33.61
C ASP B 48 2.55 -14.41 -32.55
N LYS B 49 3.28 -14.06 -31.49
CA LYS B 49 3.53 -14.97 -30.38
C LYS B 49 2.35 -15.02 -29.42
N VAL B 50 1.50 -14.00 -29.48
CA VAL B 50 0.35 -13.94 -28.57
C VAL B 50 -1.00 -14.17 -29.26
N THR B 51 -1.73 -15.16 -28.77
CA THR B 51 -3.06 -15.46 -29.29
C THR B 51 -4.04 -15.32 -28.14
N PHE B 52 -5.26 -14.87 -28.45
CA PHE B 52 -6.31 -14.66 -27.47
C PHE B 52 -7.48 -15.62 -27.71
N LYS B 53 -7.95 -16.26 -26.66
CA LYS B 53 -9.07 -17.18 -26.79
C LYS B 53 -9.98 -16.98 -25.59
N GLU B 54 -11.28 -17.23 -25.76
CA GLU B 54 -12.16 -17.05 -24.61
C GLU B 54 -13.06 -18.24 -24.32
N ASP B 55 -12.67 -19.00 -23.30
CA ASP B 55 -13.42 -20.18 -22.86
C ASP B 55 -14.20 -19.82 -21.59
N ASN B 56 -15.43 -19.34 -21.76
CA ASN B 56 -16.24 -18.95 -20.60
C ASN B 56 -16.80 -20.13 -19.84
N THR B 57 -16.43 -21.32 -20.25
CA THR B 57 -16.93 -22.52 -19.60
C THR B 57 -16.24 -22.80 -18.26
N LEU B 58 -14.94 -22.49 -18.18
CA LEU B 58 -14.15 -22.70 -16.98
C LEU B 58 -14.79 -22.24 -15.67
N PRO B 59 -14.44 -22.89 -14.55
CA PRO B 59 -14.98 -22.55 -13.23
C PRO B 59 -14.05 -21.58 -12.50
N VAL B 60 -13.78 -20.45 -13.15
CA VAL B 60 -12.93 -19.42 -12.59
C VAL B 60 -13.75 -18.14 -12.42
N ARG B 61 -13.18 -17.12 -11.81
CA ARG B 61 -13.89 -15.85 -11.61
C ARG B 61 -14.14 -15.20 -12.96
N LYS B 62 -15.24 -14.46 -13.08
CA LYS B 62 -15.57 -13.74 -14.30
C LYS B 62 -15.67 -12.26 -13.95
N PRO B 63 -14.89 -11.41 -14.64
CA PRO B 63 -13.96 -11.75 -15.71
C PRO B 63 -12.55 -12.03 -15.17
N SER B 64 -11.86 -12.95 -15.83
CA SER B 64 -10.50 -13.32 -15.46
C SER B 64 -9.89 -14.00 -16.67
N PHE B 65 -8.57 -14.10 -16.70
CA PHE B 65 -7.89 -14.73 -17.82
C PHE B 65 -6.56 -15.34 -17.40
N LEU B 66 -6.26 -16.50 -18.00
CA LEU B 66 -5.04 -17.24 -17.73
C LEU B 66 -3.94 -16.93 -18.74
N ILE B 67 -2.75 -16.58 -18.24
CA ILE B 67 -1.62 -16.32 -19.14
C ILE B 67 -0.82 -17.62 -19.09
N THR B 68 -0.93 -18.41 -20.15
CA THR B 68 -0.26 -19.70 -20.19
C THR B 68 0.43 -19.98 -21.53
N ASN B 69 0.71 -21.25 -21.76
CA ASN B 69 1.34 -21.69 -23.00
C ASN B 69 0.40 -22.60 -23.75
N PRO B 70 0.38 -22.48 -25.09
CA PRO B 70 -0.52 -23.35 -25.86
C PRO B 70 -0.19 -24.79 -25.54
N GLY B 71 -1.18 -25.51 -25.02
CA GLY B 71 -0.97 -26.90 -24.66
C GLY B 71 -0.87 -27.08 -23.16
N SER B 72 -0.78 -25.97 -22.44
CA SER B 72 -0.68 -26.02 -20.97
C SER B 72 -1.82 -25.29 -20.28
N GLN B 73 -2.01 -25.61 -19.00
CA GLN B 73 -3.06 -25.01 -18.17
C GLN B 73 -2.43 -24.32 -16.95
N GLN B 74 -1.11 -24.22 -16.96
CA GLN B 74 -0.37 -23.62 -15.85
C GLN B 74 0.04 -22.18 -16.15
N GLY B 75 -0.04 -21.34 -15.13
CA GLY B 75 0.34 -19.95 -15.29
C GLY B 75 -0.38 -18.98 -14.37
N PRO B 76 -0.04 -17.69 -14.44
CA PRO B 76 -0.70 -16.71 -13.58
C PRO B 76 -2.05 -16.31 -14.13
N ARG B 77 -3.02 -16.12 -13.23
CA ARG B 77 -4.35 -15.71 -13.63
C ARG B 77 -4.65 -14.31 -13.08
N PHE B 78 -5.29 -13.49 -13.89
CA PHE B 78 -5.67 -12.13 -13.51
C PHE B 78 -7.19 -12.03 -13.48
N ALA B 79 -7.75 -11.74 -12.32
CA ALA B 79 -9.20 -11.61 -12.18
C ALA B 79 -9.49 -10.12 -12.09
N GLY B 80 -10.09 -9.56 -13.14
CA GLY B 80 -10.39 -8.14 -13.14
C GLY B 80 -9.44 -7.34 -14.04
N SER B 81 -9.37 -6.03 -13.82
CA SER B 81 -8.49 -5.20 -14.65
C SER B 81 -7.02 -5.36 -14.27
N PRO B 82 -6.17 -5.67 -15.25
CA PRO B 82 -4.73 -5.85 -15.07
C PRO B 82 -4.01 -4.57 -15.44
N LEU B 83 -4.72 -3.45 -15.37
CA LEU B 83 -4.14 -2.18 -15.74
C LEU B 83 -3.56 -1.43 -14.55
N GLY B 84 -3.74 -0.11 -14.54
CA GLY B 84 -3.21 0.67 -13.43
C GLY B 84 -1.76 0.31 -13.21
N HIS B 85 -1.37 0.18 -11.94
CA HIS B 85 0.01 -0.15 -11.59
C HIS B 85 0.35 -1.61 -11.87
N GLU B 86 -0.66 -2.42 -12.17
CA GLU B 86 -0.44 -3.82 -12.46
C GLU B 86 -0.12 -4.06 -13.94
N PHE B 87 -0.15 -3.02 -14.75
CA PHE B 87 0.14 -3.19 -16.16
C PHE B 87 1.54 -3.78 -16.37
N THR B 88 2.51 -3.25 -15.64
CA THR B 88 3.87 -3.75 -15.76
C THR B 88 3.86 -5.22 -15.34
N SER B 89 3.04 -5.53 -14.35
CA SER B 89 2.93 -6.90 -13.85
C SER B 89 2.47 -7.78 -15.01
N LEU B 90 1.49 -7.30 -15.76
CA LEU B 90 0.96 -8.06 -16.89
C LEU B 90 2.06 -8.27 -17.93
N VAL B 91 2.80 -7.22 -18.24
CA VAL B 91 3.88 -7.29 -19.20
C VAL B 91 4.89 -8.36 -18.80
N LEU B 92 5.38 -8.26 -17.57
CA LEU B 92 6.35 -9.22 -17.06
C LEU B 92 5.80 -10.65 -17.12
N ALA B 93 4.57 -10.85 -16.70
CA ALA B 93 3.97 -12.18 -16.73
C ALA B 93 3.91 -12.71 -18.17
N LEU B 94 3.84 -11.79 -19.12
CA LEU B 94 3.82 -12.18 -20.53
C LEU B 94 5.21 -12.65 -20.92
N LEU B 95 6.21 -11.77 -20.73
CA LEU B 95 7.59 -12.11 -21.07
C LEU B 95 8.03 -13.42 -20.43
N TRP B 96 7.90 -13.51 -19.11
CA TRP B 96 8.30 -14.71 -18.41
C TRP B 96 7.68 -15.95 -19.05
N THR B 97 6.38 -15.91 -19.27
CA THR B 97 5.68 -17.03 -19.88
C THR B 97 6.21 -17.32 -21.29
N GLY B 98 6.58 -16.27 -22.01
CA GLY B 98 7.07 -16.44 -23.37
C GLY B 98 8.56 -16.68 -23.51
N GLY B 99 9.16 -17.38 -22.55
CA GLY B 99 10.58 -17.68 -22.63
C GLY B 99 11.48 -16.77 -21.80
N HIS B 100 11.44 -15.47 -22.07
CA HIS B 100 12.27 -14.50 -21.35
C HIS B 100 12.33 -14.82 -19.85
N PRO B 101 13.52 -15.21 -19.36
CA PRO B 101 13.73 -15.56 -17.95
C PRO B 101 13.81 -14.34 -17.00
N SER B 102 13.39 -14.55 -15.76
CA SER B 102 13.40 -13.50 -14.75
C SER B 102 14.78 -12.89 -14.57
N LYS B 103 14.83 -11.73 -13.93
CA LYS B 103 16.12 -11.07 -13.69
C LYS B 103 16.53 -11.24 -12.23
N GLU B 104 16.00 -12.27 -11.58
CA GLU B 104 16.32 -12.53 -10.19
C GLU B 104 17.59 -13.33 -9.97
N ALA B 105 17.82 -13.71 -8.72
CA ALA B 105 19.00 -14.48 -8.35
C ALA B 105 18.78 -15.96 -8.68
N GLN B 106 19.83 -16.61 -9.16
CA GLN B 106 19.75 -18.02 -9.53
C GLN B 106 19.47 -18.91 -8.33
N SER B 107 20.09 -18.62 -7.19
CA SER B 107 19.90 -19.43 -5.99
C SER B 107 18.47 -19.29 -5.47
N LEU B 108 17.82 -18.20 -5.86
CA LEU B 108 16.45 -17.94 -5.46
C LEU B 108 15.52 -18.69 -6.43
N LEU B 109 15.73 -18.46 -7.73
CA LEU B 109 14.93 -19.12 -8.75
C LEU B 109 14.96 -20.60 -8.44
N GLU B 110 16.16 -21.09 -8.15
CA GLU B 110 16.40 -22.49 -7.82
C GLU B 110 15.58 -22.84 -6.58
N GLN B 111 15.65 -21.96 -5.59
CA GLN B 111 14.95 -22.14 -4.34
C GLN B 111 13.44 -22.25 -4.54
N ILE B 112 12.93 -21.57 -5.57
CA ILE B 112 11.51 -21.60 -5.87
C ILE B 112 11.09 -22.95 -6.43
N ARG B 113 11.87 -23.46 -7.39
CA ARG B 113 11.57 -24.76 -8.00
C ARG B 113 11.66 -25.88 -6.97
N ASP B 114 12.47 -25.68 -5.95
CA ASP B 114 12.65 -26.68 -4.90
C ASP B 114 11.62 -26.60 -3.79
N ILE B 115 10.51 -25.92 -4.04
CA ILE B 115 9.47 -25.79 -3.03
C ILE B 115 8.60 -27.04 -3.04
N ASP B 116 8.77 -27.88 -2.04
CA ASP B 116 7.98 -29.10 -1.93
C ASP B 116 6.60 -28.70 -1.41
N GLY B 117 5.56 -29.25 -2.02
CA GLY B 117 4.21 -28.92 -1.60
C GLY B 117 3.47 -28.08 -2.62
N ASP B 118 2.16 -28.00 -2.45
CA ASP B 118 1.32 -27.23 -3.37
C ASP B 118 0.66 -26.03 -2.70
N PHE B 119 0.77 -24.88 -3.34
CA PHE B 119 0.20 -23.65 -2.81
C PHE B 119 -0.58 -22.84 -3.85
N GLU B 120 -1.82 -22.52 -3.52
CA GLU B 120 -2.68 -21.72 -4.39
C GLU B 120 -2.80 -20.33 -3.77
N PHE B 121 -1.99 -19.40 -4.28
CA PHE B 121 -2.00 -18.03 -3.78
C PHE B 121 -3.07 -17.15 -4.41
N GLU B 122 -3.54 -16.20 -3.62
CA GLU B 122 -4.53 -15.23 -4.07
C GLU B 122 -4.09 -13.86 -3.56
N THR B 123 -3.89 -12.92 -4.48
CA THR B 123 -3.47 -11.58 -4.08
C THR B 123 -4.50 -10.54 -4.46
N TYR B 124 -4.96 -9.78 -3.48
CA TYR B 124 -5.92 -8.71 -3.73
C TYR B 124 -5.12 -7.44 -3.92
N TYR B 125 -5.45 -6.67 -4.95
CA TYR B 125 -4.76 -5.42 -5.19
C TYR B 125 -5.75 -4.37 -5.66
N SER B 126 -5.26 -3.17 -5.93
CA SER B 126 -6.09 -2.08 -6.45
C SER B 126 -5.28 -1.48 -7.60
N LEU B 127 -5.96 -0.93 -8.59
CA LEU B 127 -5.23 -0.38 -9.72
C LEU B 127 -4.30 0.76 -9.30
N SER B 128 -4.64 1.41 -8.18
CA SER B 128 -3.84 2.54 -7.71
C SER B 128 -2.77 2.21 -6.66
N CYS B 129 -2.56 0.92 -6.38
CA CYS B 129 -1.57 0.54 -5.37
C CYS B 129 -0.13 0.55 -5.87
N HIS B 130 0.74 1.24 -5.15
CA HIS B 130 2.14 1.33 -5.52
C HIS B 130 2.94 0.10 -5.06
N ASN B 131 2.44 -0.58 -4.04
CA ASN B 131 3.09 -1.76 -3.49
C ASN B 131 2.71 -3.08 -4.14
N CYS B 132 1.42 -3.24 -4.41
CA CYS B 132 0.90 -4.46 -5.01
C CYS B 132 1.73 -5.07 -6.14
N PRO B 133 2.21 -4.24 -7.10
CA PRO B 133 3.02 -4.73 -8.22
C PRO B 133 4.11 -5.74 -7.87
N ASP B 134 4.89 -5.44 -6.84
CA ASP B 134 5.97 -6.32 -6.41
C ASP B 134 5.45 -7.67 -5.93
N VAL B 135 4.38 -7.66 -5.15
CA VAL B 135 3.82 -8.91 -4.64
C VAL B 135 3.20 -9.70 -5.77
N VAL B 136 2.46 -9.02 -6.63
CA VAL B 136 1.79 -9.70 -7.75
C VAL B 136 2.83 -10.28 -8.71
N GLN B 137 3.89 -9.54 -8.96
CA GLN B 137 4.95 -10.01 -9.85
C GLN B 137 5.71 -11.19 -9.24
N ALA B 138 5.98 -11.10 -7.95
CA ALA B 138 6.69 -12.15 -7.25
C ALA B 138 5.92 -13.46 -7.39
N LEU B 139 4.66 -13.44 -7.00
CA LEU B 139 3.84 -14.64 -7.07
C LEU B 139 3.59 -15.16 -8.48
N ASN B 140 3.55 -14.27 -9.46
CA ASN B 140 3.35 -14.70 -10.83
C ASN B 140 4.58 -15.54 -11.22
N LEU B 141 5.76 -15.00 -10.97
CA LEU B 141 6.99 -15.71 -11.31
C LEU B 141 7.01 -17.09 -10.65
N MET B 142 6.65 -17.17 -9.38
CA MET B 142 6.64 -18.45 -8.70
C MET B 142 5.60 -19.36 -9.31
N ALA B 143 4.71 -18.80 -10.13
CA ALA B 143 3.66 -19.62 -10.75
C ALA B 143 4.15 -20.11 -12.10
N VAL B 144 5.05 -19.36 -12.71
CA VAL B 144 5.61 -19.74 -13.99
C VAL B 144 6.67 -20.81 -13.73
N LEU B 145 7.66 -20.46 -12.91
CA LEU B 145 8.75 -21.36 -12.55
C LEU B 145 8.35 -22.65 -11.84
N ASN B 146 7.17 -22.68 -11.22
CA ASN B 146 6.77 -23.87 -10.49
C ASN B 146 5.28 -24.20 -10.60
N PRO B 147 4.95 -25.27 -11.32
CA PRO B 147 3.57 -25.74 -11.52
C PRO B 147 2.84 -26.10 -10.24
N ARG B 148 3.60 -26.22 -9.15
CA ARG B 148 3.01 -26.56 -7.85
C ARG B 148 2.43 -25.29 -7.21
N ILE B 149 2.81 -24.14 -7.76
CA ILE B 149 2.36 -22.85 -7.24
C ILE B 149 1.35 -22.12 -8.13
N LYS B 150 0.12 -22.03 -7.64
CA LYS B 150 -0.98 -21.35 -8.33
C LYS B 150 -1.18 -19.94 -7.79
N HIS B 151 -1.41 -18.99 -8.69
CA HIS B 151 -1.63 -17.61 -8.28
C HIS B 151 -2.67 -16.89 -9.13
N THR B 152 -3.56 -16.19 -8.44
CA THR B 152 -4.58 -15.38 -9.09
C THR B 152 -4.49 -13.98 -8.50
N ALA B 153 -4.15 -13.02 -9.34
CA ALA B 153 -4.07 -11.63 -8.91
C ALA B 153 -5.52 -11.13 -9.08
N ILE B 154 -6.11 -10.65 -8.00
CA ILE B 154 -7.49 -10.17 -8.00
C ILE B 154 -7.65 -8.65 -7.87
N ASP B 155 -8.27 -8.05 -8.86
CA ASP B 155 -8.53 -6.61 -8.85
C ASP B 155 -9.70 -6.39 -7.90
N GLY B 156 -9.38 -5.90 -6.71
CA GLY B 156 -10.40 -5.66 -5.71
C GLY B 156 -11.49 -4.72 -6.19
N GLY B 157 -11.17 -3.92 -7.20
CA GLY B 157 -12.13 -2.98 -7.73
C GLY B 157 -13.18 -3.68 -8.59
N THR B 158 -13.00 -4.97 -8.82
CA THR B 158 -13.94 -5.74 -9.63
C THR B 158 -14.61 -6.80 -8.77
N PHE B 159 -13.97 -7.15 -7.65
CA PHE B 159 -14.54 -8.15 -6.76
C PHE B 159 -14.67 -7.62 -5.35
N GLN B 160 -15.26 -6.44 -5.25
CA GLN B 160 -15.47 -5.78 -3.97
C GLN B 160 -16.16 -6.71 -2.98
N ASN B 161 -16.99 -7.61 -3.48
CA ASN B 161 -17.68 -8.56 -2.61
C ASN B 161 -16.63 -9.32 -1.80
N GLU B 162 -15.60 -9.84 -2.48
CA GLU B 162 -14.55 -10.59 -1.80
C GLU B 162 -13.73 -9.69 -0.89
N ILE B 163 -13.59 -8.43 -1.28
CA ILE B 163 -12.82 -7.48 -0.49
C ILE B 163 -13.43 -7.31 0.91
N THR B 164 -14.75 -7.13 0.97
CA THR B 164 -15.41 -6.97 2.26
C THR B 164 -15.67 -8.34 2.89
N GLU B 165 -15.97 -9.30 2.03
CA GLU B 165 -16.25 -10.67 2.45
C GLU B 165 -15.15 -11.26 3.31
N ARG B 166 -13.90 -10.99 2.93
CA ARG B 166 -12.74 -11.49 3.67
C ARG B 166 -12.16 -10.40 4.57
N ASN B 167 -12.92 -9.32 4.73
CA ASN B 167 -12.51 -8.20 5.57
C ASN B 167 -11.14 -7.64 5.17
N VAL B 168 -10.80 -7.75 3.89
CA VAL B 168 -9.53 -7.24 3.42
C VAL B 168 -9.44 -5.75 3.73
N MET B 169 -8.62 -5.42 4.73
CA MET B 169 -8.43 -4.04 5.13
C MET B 169 -7.79 -3.29 3.97
N GLY B 170 -6.47 -3.15 3.98
CA GLY B 170 -5.81 -2.45 2.88
C GLY B 170 -5.19 -3.45 1.91
N VAL B 171 -4.46 -2.97 0.91
CA VAL B 171 -3.82 -3.87 -0.05
C VAL B 171 -2.32 -3.61 -0.16
N PRO B 172 -1.56 -4.61 -0.61
CA PRO B 172 -2.05 -5.93 -1.04
C PRO B 172 -2.34 -6.83 0.15
N ALA B 173 -3.17 -7.84 -0.08
CA ALA B 173 -3.54 -8.81 0.92
C ALA B 173 -3.40 -10.15 0.24
N VAL B 174 -2.44 -10.96 0.66
CA VAL B 174 -2.21 -12.26 0.05
C VAL B 174 -2.76 -13.41 0.89
N PHE B 175 -3.38 -14.37 0.22
CA PHE B 175 -3.94 -15.55 0.88
C PHE B 175 -3.36 -16.79 0.22
N VAL B 176 -3.09 -17.82 1.00
CA VAL B 176 -2.55 -19.05 0.44
C VAL B 176 -3.38 -20.22 0.93
N ASN B 177 -3.85 -21.02 -0.01
CA ASN B 177 -4.69 -22.17 0.28
C ASN B 177 -5.82 -21.86 1.27
N GLY B 178 -6.34 -20.63 1.20
CA GLY B 178 -7.44 -20.25 2.06
C GLY B 178 -7.12 -19.37 3.26
N LYS B 179 -5.92 -19.52 3.81
CA LYS B 179 -5.52 -18.74 4.97
C LYS B 179 -4.80 -17.46 4.56
N GLU B 180 -4.75 -16.47 5.45
CA GLU B 180 -4.05 -15.23 5.16
C GLU B 180 -2.57 -15.58 5.12
N PHE B 181 -1.82 -14.95 4.23
CA PHE B 181 -0.40 -15.23 4.12
C PHE B 181 0.42 -14.02 4.54
N GLY B 182 -0.05 -12.85 4.17
CA GLY B 182 0.67 -11.64 4.53
C GLY B 182 -0.07 -10.41 4.04
N GLN B 183 0.10 -9.31 4.74
CA GLN B 183 -0.53 -8.07 4.36
C GLN B 183 0.53 -7.04 4.07
N GLY B 184 0.21 -6.13 3.16
CA GLY B 184 1.16 -5.10 2.82
C GLY B 184 2.32 -5.60 1.98
N ARG B 185 3.19 -4.67 1.64
CA ARG B 185 4.38 -4.92 0.83
C ARG B 185 5.14 -6.19 1.20
N MET B 186 5.50 -6.96 0.18
CA MET B 186 6.27 -8.20 0.35
C MET B 186 7.19 -8.29 -0.86
N THR B 187 8.25 -9.09 -0.75
CA THR B 187 9.18 -9.25 -1.86
C THR B 187 9.31 -10.72 -2.18
N LEU B 188 9.90 -11.01 -3.33
CA LEU B 188 10.07 -12.40 -3.74
C LEU B 188 10.75 -13.23 -2.65
N THR B 189 12.02 -12.94 -2.36
CA THR B 189 12.78 -13.67 -1.34
C THR B 189 12.08 -13.73 0.00
N GLU B 190 11.35 -12.68 0.35
CA GLU B 190 10.64 -12.68 1.63
C GLU B 190 9.49 -13.69 1.59
N ILE B 191 8.80 -13.75 0.45
CA ILE B 191 7.69 -14.67 0.27
C ILE B 191 8.24 -16.09 0.25
N VAL B 192 9.29 -16.31 -0.52
CA VAL B 192 9.90 -17.63 -0.59
C VAL B 192 10.32 -18.03 0.83
N ALA B 193 10.93 -17.09 1.55
CA ALA B 193 11.36 -17.36 2.91
C ALA B 193 10.18 -17.71 3.81
N LYS B 194 9.06 -17.02 3.60
CA LYS B 194 7.87 -17.27 4.42
C LYS B 194 7.25 -18.65 4.27
N VAL B 195 7.31 -19.21 3.07
CA VAL B 195 6.76 -20.54 2.88
C VAL B 195 7.75 -21.53 3.51
N ASP B 196 8.85 -20.97 4.00
CA ASP B 196 9.94 -21.70 4.67
C ASP B 196 10.81 -22.50 3.69
#